data_5NM8
#
_entry.id   5NM8
#
_cell.length_a   46.627
_cell.length_b   98.937
_cell.length_c   103.737
_cell.angle_alpha   90.00
_cell.angle_beta   90.00
_cell.angle_gamma   90.00
#
_symmetry.space_group_name_H-M   'P 21 21 21'
#
loop_
_entity.id
_entity.type
_entity.pdbx_description
1 polymer PipY
2 non-polymer "PYRIDOXAL-5'-PHOSPHATE"
3 non-polymer 'CALCIUM ION'
4 water water
#
_entity_poly.entity_id   1
_entity_poly.type   'polypeptide(L)'
_entity_poly.pdbx_seq_one_letter_code
;MAQIAERLASLRSQLPPSVQLIAVSKNHPAAAIREAYAAGQRHFGENRVQEAIAKQAELTDLPDLTWHLLGKLQSNKARK
AVEHFDWIHSVDSWALAERLDRIAGELGRSPKLCLQVKLLPDPNKAGWDPADLRAELPQLSQLQQVQIRGLMVIAPLGLT
AAETQALFAQARTFAAELQQQAPQLRLTELSMGMSSDWPLAVAEGATWIRVGTQLFGPRSLEHHHHHH
;
_entity_poly.pdbx_strand_id   A,B
#
# COMPACT_ATOMS: atom_id res chain seq x y z
N GLN A 3 -21.08 0.86 11.89
CA GLN A 3 -20.14 0.72 10.73
C GLN A 3 -18.73 0.22 11.12
N ILE A 4 -18.41 0.07 12.42
CA ILE A 4 -17.14 -0.55 12.82
C ILE A 4 -17.03 -1.93 12.15
N ALA A 5 -18.11 -2.70 12.17
CA ALA A 5 -18.09 -4.04 11.65
C ALA A 5 -17.84 -4.05 10.18
N GLU A 6 -18.43 -3.09 9.48
CA GLU A 6 -18.21 -3.00 8.05
C GLU A 6 -16.80 -2.58 7.68
N ARG A 7 -16.26 -1.63 8.42
CA ARG A 7 -14.88 -1.19 8.16
C ARG A 7 -13.88 -2.30 8.44
N LEU A 8 -14.10 -3.02 9.53
CA LEU A 8 -13.27 -4.19 9.82
C LEU A 8 -13.29 -5.22 8.73
N ALA A 9 -14.48 -5.61 8.27
CA ALA A 9 -14.55 -6.62 7.22
C ALA A 9 -13.88 -6.13 5.94
N SER A 10 -14.12 -4.87 5.58
CA SER A 10 -13.47 -4.31 4.41
C SER A 10 -11.93 -4.36 4.52
N LEU A 11 -11.41 -3.88 5.65
CA LEU A 11 -9.98 -3.93 5.87
C LEU A 11 -9.44 -5.38 5.92
N ARG A 12 -10.09 -6.30 6.65
CA ARG A 12 -9.60 -7.72 6.68
C ARG A 12 -9.56 -8.45 5.37
N SER A 13 -10.56 -8.19 4.54
CA SER A 13 -10.61 -8.76 3.21
C SER A 13 -9.37 -8.41 2.39
N GLN A 14 -8.75 -7.27 2.70
CA GLN A 14 -7.57 -6.82 1.97
C GLN A 14 -6.25 -7.40 2.47
N LEU A 15 -6.18 -7.93 3.69
CA LEU A 15 -4.92 -8.35 4.28
C LEU A 15 -4.58 -9.79 3.92
N PRO A 16 -3.32 -10.06 3.59
CA PRO A 16 -2.93 -11.47 3.51
C PRO A 16 -2.84 -12.15 4.90
N PRO A 17 -2.82 -13.49 4.95
CA PRO A 17 -2.66 -14.20 6.22
C PRO A 17 -1.43 -13.79 7.05
N SER A 18 -0.37 -13.33 6.42
CA SER A 18 0.82 -12.90 7.18
C SER A 18 0.63 -11.59 8.03
N VAL A 19 -0.47 -10.86 7.82
CA VAL A 19 -0.65 -9.56 8.45
C VAL A 19 -1.71 -9.68 9.48
N GLN A 20 -1.44 -9.19 10.69
CA GLN A 20 -2.50 -9.05 11.70
C GLN A 20 -2.77 -7.59 11.96
N LEU A 21 -4.02 -7.30 12.15
CA LEU A 21 -4.47 -5.97 12.39
C LEU A 21 -4.52 -5.70 13.89
N ILE A 22 -3.95 -4.58 14.34
CA ILE A 22 -4.17 -4.07 15.71
C ILE A 22 -5.17 -2.91 15.58
N ALA A 23 -6.30 -3.01 16.26
CA ALA A 23 -7.28 -1.99 16.26
C ALA A 23 -6.91 -0.93 17.34
N VAL A 24 -6.56 0.26 16.92
CA VAL A 24 -5.97 1.22 17.83
C VAL A 24 -7.12 2.01 18.43
N SER A 25 -7.47 1.67 19.67
CA SER A 25 -8.62 2.24 20.38
C SER A 25 -8.32 3.47 21.25
N LYS A 26 -7.12 3.99 21.22
CA LYS A 26 -6.80 5.20 21.95
C LYS A 26 -7.82 6.29 21.56
N ASN A 27 -8.30 7.07 22.51
CA ASN A 27 -9.31 8.17 22.22
C ASN A 27 -10.70 7.68 21.78
N HIS A 28 -10.99 6.41 22.05
CA HIS A 28 -12.31 5.85 21.88
C HIS A 28 -12.69 5.06 23.13
N PRO A 29 -13.99 5.05 23.47
CA PRO A 29 -14.41 4.37 24.70
C PRO A 29 -14.50 2.85 24.59
N ALA A 30 -14.72 2.23 25.72
CA ALA A 30 -14.91 0.78 25.84
C ALA A 30 -16.00 0.23 24.93
N ALA A 31 -17.06 1.00 24.70
CA ALA A 31 -18.14 0.57 23.78
C ALA A 31 -17.69 0.40 22.33
N ALA A 32 -16.76 1.25 21.88
CA ALA A 32 -16.15 1.05 20.59
C ALA A 32 -15.45 -0.28 20.51
N ILE A 33 -14.65 -0.60 21.54
CA ILE A 33 -13.92 -1.87 21.59
C ILE A 33 -14.92 -3.06 21.57
N ARG A 34 -15.97 -2.95 22.36
CA ARG A 34 -17.07 -3.98 22.40
C ARG A 34 -17.70 -4.25 21.05
N GLU A 35 -17.97 -3.18 20.30
CA GLU A 35 -18.46 -3.33 18.96
C GLU A 35 -17.45 -4.00 17.99
N ALA A 36 -16.16 -3.61 18.03
CA ALA A 36 -15.13 -4.31 17.24
C ALA A 36 -15.01 -5.80 17.61
N TYR A 37 -15.14 -6.10 18.87
CA TYR A 37 -15.01 -7.48 19.33
C TYR A 37 -16.14 -8.39 18.78
N ALA A 38 -17.34 -7.83 18.76
CA ALA A 38 -18.53 -8.57 18.23
C ALA A 38 -18.31 -8.84 16.74
N ALA A 39 -17.56 -7.98 16.07
CA ALA A 39 -17.09 -8.26 14.71
C ALA A 39 -15.85 -9.14 14.61
N GLY A 40 -15.46 -9.80 15.71
CA GLY A 40 -14.34 -10.74 15.71
C GLY A 40 -12.94 -10.14 16.00
N GLN A 41 -12.81 -8.83 16.25
CA GLN A 41 -11.47 -8.27 16.62
C GLN A 41 -11.05 -8.60 18.07
N ARG A 42 -9.78 -8.99 18.21
CA ARG A 42 -9.21 -9.35 19.48
C ARG A 42 -7.98 -8.50 19.92
N HIS A 43 -7.23 -7.94 18.97
CA HIS A 43 -5.97 -7.19 19.24
C HIS A 43 -6.31 -5.71 19.25
N PHE A 44 -6.09 -5.05 20.38
CA PHE A 44 -6.35 -3.67 20.57
C PHE A 44 -5.09 -2.95 21.05
N GLY A 45 -4.92 -1.74 20.56
CA GLY A 45 -3.74 -0.93 20.89
C GLY A 45 -4.12 0.36 21.58
N GLU A 46 -3.36 0.72 22.60
CA GLU A 46 -3.49 1.94 23.37
C GLU A 46 -2.13 2.66 23.47
N ASN A 47 -2.12 3.98 23.66
CA ASN A 47 -0.85 4.70 23.87
CA ASN A 47 -0.86 4.69 23.85
C ASN A 47 -0.57 5.08 25.30
N ARG A 48 -1.56 5.01 26.19
CA ARG A 48 -1.38 5.38 27.59
C ARG A 48 -1.79 4.17 28.47
N VAL A 49 -0.94 3.87 29.45
CA VAL A 49 -1.13 2.71 30.32
C VAL A 49 -2.40 2.86 31.16
N GLN A 50 -2.58 4.01 31.76
CA GLN A 50 -3.77 4.22 32.62
C GLN A 50 -5.11 4.14 31.87
N GLU A 51 -5.14 4.69 30.67
CA GLU A 51 -6.34 4.61 29.83
C GLU A 51 -6.65 3.12 29.55
N ALA A 52 -5.65 2.29 29.28
CA ALA A 52 -5.91 0.87 29.04
C ALA A 52 -6.38 0.10 30.28
N ILE A 53 -5.82 0.46 31.43
CA ILE A 53 -6.18 -0.15 32.70
C ILE A 53 -7.66 0.09 32.95
N ALA A 54 -8.08 1.35 32.79
CA ALA A 54 -9.49 1.71 32.97
C ALA A 54 -10.42 0.93 32.02
N LYS A 55 -10.10 0.94 30.73
CA LYS A 55 -10.89 0.16 29.77
C LYS A 55 -10.96 -1.33 30.10
N GLN A 56 -9.85 -1.90 30.53
CA GLN A 56 -9.82 -3.30 30.88
C GLN A 56 -10.79 -3.63 32.04
N ALA A 57 -10.94 -2.70 32.98
CA ALA A 57 -11.91 -2.85 34.07
C ALA A 57 -13.38 -2.79 33.61
N GLU A 58 -13.67 -2.10 32.50
CA GLU A 58 -15.00 -2.08 31.89
C GLU A 58 -15.24 -3.22 30.88
N LEU A 59 -14.26 -4.07 30.61
CA LEU A 59 -14.40 -5.10 29.58
C LEU A 59 -14.21 -6.48 30.16
N THR A 60 -14.72 -6.70 31.38
CA THR A 60 -14.57 -8.00 32.01
C THR A 60 -15.37 -9.13 31.26
N ASP A 61 -16.38 -8.71 30.50
CA ASP A 61 -17.09 -9.56 29.53
C ASP A 61 -16.23 -10.10 28.37
N LEU A 62 -15.03 -9.54 28.14
CA LEU A 62 -14.26 -9.99 26.99
C LEU A 62 -13.12 -10.88 27.46
N PRO A 63 -13.24 -12.21 27.28
CA PRO A 63 -12.16 -13.06 27.82
C PRO A 63 -10.81 -13.06 27.10
N ASP A 64 -10.76 -12.78 25.80
CA ASP A 64 -9.64 -13.17 24.95
C ASP A 64 -9.04 -11.95 24.19
N LEU A 65 -8.92 -10.85 24.90
CA LEU A 65 -8.31 -9.62 24.34
C LEU A 65 -6.79 -9.74 24.41
N THR A 66 -6.10 -9.19 23.42
CA THR A 66 -4.65 -9.02 23.45
C THR A 66 -4.38 -7.52 23.36
N TRP A 67 -3.65 -6.98 24.32
CA TRP A 67 -3.44 -5.56 24.44
C TRP A 67 -2.02 -5.22 24.01
N HIS A 68 -1.90 -4.14 23.22
CA HIS A 68 -0.66 -3.70 22.67
C HIS A 68 -0.43 -2.29 23.10
N LEU A 69 0.71 -2.00 23.74
CA LEU A 69 1.08 -0.66 24.15
C LEU A 69 1.89 -0.01 23.03
N LEU A 70 1.41 1.13 22.52
CA LEU A 70 1.98 1.81 21.34
C LEU A 70 2.65 3.13 21.65
N GLY A 71 2.49 3.65 22.84
CA GLY A 71 3.07 4.94 23.19
C GLY A 71 4.31 4.88 24.05
N LYS A 72 4.95 6.04 24.17
CA LYS A 72 6.13 6.20 24.97
C LYS A 72 5.91 5.66 26.37
N LEU A 73 6.84 4.83 26.82
CA LEU A 73 6.74 4.23 28.13
C LEU A 73 7.85 4.77 29.00
N GLN A 74 7.47 5.51 30.00
CA GLN A 74 8.43 5.92 31.03
C GLN A 74 8.55 4.85 32.11
N SER A 75 9.68 4.91 32.82
CA SER A 75 10.03 4.01 33.92
C SER A 75 8.97 3.94 35.01
N ASN A 76 8.33 5.05 35.33
CA ASN A 76 7.28 5.03 36.34
C ASN A 76 5.99 4.27 35.97
N LYS A 77 5.80 3.89 34.70
CA LYS A 77 4.66 3.05 34.34
C LYS A 77 5.05 1.62 33.90
N ALA A 78 6.31 1.29 34.07
CA ALA A 78 6.86 0.07 33.54
C ALA A 78 6.21 -1.14 34.21
N ARG A 79 5.98 -1.10 35.52
CA ARG A 79 5.42 -2.27 36.17
CA ARG A 79 5.38 -2.25 36.21
C ARG A 79 3.98 -2.53 35.67
N LYS A 80 3.17 -1.48 35.66
CA LYS A 80 1.80 -1.53 35.13
C LYS A 80 1.76 -1.96 33.66
N ALA A 81 2.71 -1.51 32.86
CA ALA A 81 2.83 -1.93 31.47
C ALA A 81 2.97 -3.44 31.36
N VAL A 82 3.89 -4.00 32.13
CA VAL A 82 4.16 -5.43 32.13
C VAL A 82 2.97 -6.20 32.68
N GLU A 83 2.30 -5.68 33.68
CA GLU A 83 1.09 -6.35 34.21
C GLU A 83 -0.08 -6.40 33.24
N HIS A 84 -0.29 -5.32 32.49
CA HIS A 84 -1.53 -5.15 31.72
C HIS A 84 -1.46 -5.32 30.20
N PHE A 85 -0.27 -5.34 29.62
CA PHE A 85 -0.10 -5.51 28.20
C PHE A 85 0.60 -6.82 27.86
N ASP A 86 0.19 -7.40 26.74
CA ASP A 86 0.74 -8.59 26.14
C ASP A 86 1.94 -8.26 25.23
N TRP A 87 1.83 -7.13 24.56
CA TRP A 87 2.86 -6.61 23.68
C TRP A 87 3.15 -5.15 24.05
N ILE A 88 4.43 -4.79 23.95
CA ILE A 88 4.85 -3.39 24.07
C ILE A 88 5.70 -3.07 22.84
N HIS A 89 5.18 -2.22 21.94
CA HIS A 89 5.81 -1.94 20.70
C HIS A 89 6.84 -0.77 20.78
N SER A 90 6.80 -0.03 21.84
CA SER A 90 7.51 1.24 21.90
C SER A 90 8.82 1.16 22.70
N VAL A 91 9.51 0.02 22.69
CA VAL A 91 10.75 -0.08 23.45
C VAL A 91 11.87 0.66 22.67
N ASP A 92 12.29 1.77 23.22
CA ASP A 92 13.23 2.71 22.50
C ASP A 92 14.62 2.86 23.17
N SER A 93 14.92 2.06 24.17
CA SER A 93 16.24 2.16 24.85
C SER A 93 16.59 0.88 25.57
N TRP A 94 17.90 0.71 25.77
CA TRP A 94 18.47 -0.37 26.56
C TRP A 94 17.98 -0.27 27.96
N ALA A 95 17.97 0.92 28.57
CA ALA A 95 17.56 1.00 29.97
C ALA A 95 16.14 0.51 30.19
N LEU A 96 15.24 0.96 29.31
CA LEU A 96 13.87 0.44 29.35
C LEU A 96 13.82 -1.05 29.12
N ALA A 97 14.45 -1.57 28.08
CA ALA A 97 14.43 -3.03 27.88
C ALA A 97 14.89 -3.83 29.11
N GLU A 98 15.98 -3.40 29.74
CA GLU A 98 16.56 -4.07 30.89
C GLU A 98 15.61 -4.07 32.07
N ARG A 99 14.93 -2.94 32.26
CA ARG A 99 13.98 -2.74 33.34
C ARG A 99 12.76 -3.59 33.14
N LEU A 100 12.23 -3.58 31.91
CA LEU A 100 11.07 -4.45 31.64
C LEU A 100 11.42 -5.92 31.90
N ASP A 101 12.60 -6.32 31.46
CA ASP A 101 13.06 -7.71 31.71
C ASP A 101 13.15 -8.06 33.19
N ARG A 102 13.74 -7.16 34.01
CA ARG A 102 13.75 -7.42 35.47
C ARG A 102 12.35 -7.50 36.08
N ILE A 103 11.49 -6.56 35.72
CA ILE A 103 10.12 -6.56 36.22
C ILE A 103 9.36 -7.81 35.80
N ALA A 104 9.47 -8.17 34.54
CA ALA A 104 8.80 -9.35 34.03
C ALA A 104 9.21 -10.63 34.82
N GLY A 105 10.50 -10.79 35.06
CA GLY A 105 11.06 -11.81 35.99
C GLY A 105 10.35 -11.82 37.34
N GLU A 106 10.26 -10.66 38.00
CA GLU A 106 9.65 -10.59 39.33
C GLU A 106 8.16 -10.91 39.30
N LEU A 107 7.47 -10.58 38.19
CA LEU A 107 6.05 -10.80 38.07
C LEU A 107 5.66 -12.16 37.49
N GLY A 108 6.62 -12.90 36.94
CA GLY A 108 6.35 -14.10 36.17
C GLY A 108 5.63 -13.94 34.83
N ARG A 109 5.88 -12.81 34.15
CA ARG A 109 5.28 -12.49 32.84
C ARG A 109 6.42 -12.51 31.80
N SER A 110 6.07 -12.54 30.52
CA SER A 110 7.04 -12.47 29.42
C SER A 110 6.40 -11.65 28.25
N PRO A 111 6.48 -10.30 28.33
CA PRO A 111 5.91 -9.47 27.29
C PRO A 111 6.65 -9.65 26.01
N LYS A 112 5.90 -9.53 24.94
CA LYS A 112 6.44 -9.53 23.63
C LYS A 112 6.73 -8.07 23.26
N LEU A 113 7.94 -7.81 22.81
CA LEU A 113 8.42 -6.45 22.59
C LEU A 113 8.75 -6.23 21.14
N CYS A 114 8.47 -5.02 20.65
CA CYS A 114 9.07 -4.54 19.44
C CYS A 114 10.02 -3.40 19.84
N LEU A 115 11.08 -3.28 19.09
CA LEU A 115 12.05 -2.21 19.30
C LEU A 115 11.69 -1.08 18.35
N GLN A 116 11.42 0.11 18.90
CA GLN A 116 10.96 1.25 18.09
C GLN A 116 12.18 1.97 17.57
N VAL A 117 12.38 1.96 16.26
CA VAL A 117 13.61 2.46 15.63
C VAL A 117 13.30 3.70 14.84
N LYS A 118 14.21 4.68 14.97
CA LYS A 118 14.08 5.91 14.25
C LYS A 118 15.00 5.86 13.03
N LEU A 119 14.44 5.79 11.82
CA LEU A 119 15.26 5.70 10.60
C LEU A 119 15.34 7.02 9.82
N LEU A 120 14.50 7.99 10.19
CA LEU A 120 14.46 9.31 9.56
C LEU A 120 14.27 10.30 10.69
N PRO A 121 14.69 11.58 10.52
CA PRO A 121 14.43 12.61 11.54
C PRO A 121 12.93 12.71 11.84
N ASP A 122 12.57 12.83 13.10
CA ASP A 122 11.19 12.95 13.53
C ASP A 122 11.21 13.64 14.91
N PRO A 123 10.84 14.91 14.97
CA PRO A 123 10.79 15.58 16.28
C PRO A 123 9.58 15.18 17.10
N ASN A 124 8.66 14.42 16.53
CA ASN A 124 7.44 14.02 17.22
C ASN A 124 7.51 12.69 17.92
N LYS A 125 8.55 11.90 17.65
CA LYS A 125 8.63 10.53 18.23
C LYS A 125 10.04 10.21 18.66
N ALA A 126 10.12 9.46 19.73
CA ALA A 126 11.34 8.89 20.20
C ALA A 126 11.67 7.67 19.30
N GLY A 127 12.83 7.07 19.49
CA GLY A 127 13.18 5.84 18.78
C GLY A 127 14.67 5.59 18.87
N TRP A 128 15.03 4.33 18.82
CA TRP A 128 16.44 3.93 18.81
C TRP A 128 17.18 4.45 17.61
N ASP A 129 18.39 4.95 17.86
CA ASP A 129 19.34 5.20 16.78
C ASP A 129 19.80 3.86 16.25
N PRO A 130 19.86 3.69 14.91
CA PRO A 130 20.26 2.36 14.38
C PRO A 130 21.61 1.88 14.84
N ALA A 131 22.60 2.74 14.94
CA ALA A 131 23.94 2.30 15.43
C ALA A 131 23.95 1.95 16.92
N ASP A 132 23.19 2.71 17.70
CA ASP A 132 23.03 2.44 19.15
C ASP A 132 22.41 1.07 19.26
N LEU A 133 21.44 0.76 18.39
CA LEU A 133 20.75 -0.53 18.48
C LEU A 133 21.68 -1.67 18.07
N ARG A 134 22.40 -1.52 16.99
CA ARG A 134 23.43 -2.51 16.66
C ARG A 134 24.43 -2.79 17.80
N ALA A 135 24.90 -1.74 18.47
CA ALA A 135 25.76 -1.87 19.67
C ALA A 135 25.16 -2.67 20.84
N GLU A 136 23.84 -2.60 21.07
CA GLU A 136 23.19 -3.23 22.23
C GLU A 136 22.63 -4.62 22.00
N LEU A 137 22.76 -5.12 20.78
CA LEU A 137 22.14 -6.36 20.39
C LEU A 137 22.61 -7.55 21.19
N PRO A 138 23.95 -7.67 21.49
CA PRO A 138 24.41 -8.73 22.38
C PRO A 138 23.73 -8.73 23.74
N GLN A 139 23.58 -7.55 24.31
CA GLN A 139 22.94 -7.42 25.62
C GLN A 139 21.45 -7.72 25.49
N LEU A 140 20.80 -7.18 24.46
CA LEU A 140 19.35 -7.52 24.24
C LEU A 140 19.13 -9.04 23.99
N SER A 141 20.05 -9.65 23.27
CA SER A 141 20.09 -11.11 23.08
C SER A 141 20.05 -11.99 24.28
N GLN A 142 20.57 -11.50 25.38
CA GLN A 142 20.69 -12.29 26.58
C GLN A 142 19.53 -12.10 27.53
N LEU A 143 18.61 -11.17 27.24
CA LEU A 143 17.47 -10.97 28.14
C LEU A 143 16.60 -12.25 28.09
N GLN A 144 16.17 -12.74 29.25
CA GLN A 144 15.48 -14.04 29.34
C GLN A 144 13.97 -13.95 29.58
N GLN A 145 13.52 -12.82 30.12
CA GLN A 145 12.19 -12.71 30.63
C GLN A 145 11.27 -11.91 29.72
N VAL A 146 11.79 -11.38 28.62
CA VAL A 146 10.97 -10.73 27.57
C VAL A 146 11.20 -11.51 26.29
N GLN A 147 10.29 -11.37 25.32
CA GLN A 147 10.46 -11.90 24.02
C GLN A 147 10.59 -10.77 23.06
N ILE A 148 11.79 -10.50 22.61
CA ILE A 148 11.96 -9.48 21.56
C ILE A 148 11.61 -10.05 20.16
N ARG A 149 10.54 -9.52 19.55
CA ARG A 149 9.97 -10.13 18.33
C ARG A 149 10.11 -9.34 17.07
N GLY A 150 10.49 -8.09 17.16
CA GLY A 150 10.52 -7.28 15.97
C GLY A 150 10.86 -5.84 16.18
N LEU A 151 10.66 -5.09 15.11
CA LEU A 151 10.86 -3.66 15.04
C LEU A 151 9.52 -2.94 14.84
N MET A 152 9.43 -1.73 15.39
CA MET A 152 8.33 -0.81 15.16
C MET A 152 8.86 0.43 14.50
N VAL A 153 8.23 0.85 13.44
CA VAL A 153 8.64 2.06 12.69
C VAL A 153 7.40 2.90 12.47
N ILE A 154 7.47 4.19 12.81
CA ILE A 154 6.38 5.15 12.66
C ILE A 154 6.91 6.25 11.70
N ALA A 155 6.14 6.56 10.66
CA ALA A 155 6.53 7.59 9.70
C ALA A 155 6.47 8.96 10.36
N PRO A 156 7.50 9.80 10.14
CA PRO A 156 7.35 11.21 10.44
C PRO A 156 6.13 11.77 9.75
N LEU A 157 5.54 12.78 10.36
CA LEU A 157 4.39 13.48 9.79
C LEU A 157 4.72 14.09 8.45
N GLY A 158 3.77 14.06 7.53
CA GLY A 158 3.92 14.74 6.27
C GLY A 158 4.83 14.09 5.21
N LEU A 159 5.35 12.89 5.41
CA LEU A 159 6.03 12.21 4.30
C LEU A 159 5.16 12.02 3.09
N THR A 160 5.76 12.05 1.91
CA THR A 160 5.07 11.60 0.74
C THR A 160 4.87 10.07 0.79
N ALA A 161 3.96 9.62 -0.05
CA ALA A 161 3.81 8.20 -0.26
C ALA A 161 5.10 7.49 -0.61
N ALA A 162 5.87 8.08 -1.54
CA ALA A 162 7.14 7.50 -1.96
C ALA A 162 8.19 7.43 -0.82
N GLU A 163 8.26 8.48 -0.02
CA GLU A 163 9.20 8.51 1.15
C GLU A 163 8.77 7.47 2.18
N THR A 164 7.47 7.31 2.39
CA THR A 164 6.92 6.31 3.29
C THR A 164 7.20 4.93 2.85
N GLN A 165 7.00 4.69 1.56
CA GLN A 165 7.30 3.41 1.00
C GLN A 165 8.77 3.05 1.21
N ALA A 166 9.68 4.00 1.02
CA ALA A 166 11.13 3.74 1.19
C ALA A 166 11.53 3.54 2.65
N LEU A 167 10.84 4.22 3.55
CA LEU A 167 11.08 4.05 5.00
C LEU A 167 10.71 2.63 5.42
N PHE A 168 9.55 2.15 4.96
CA PHE A 168 9.09 0.81 5.37
C PHE A 168 10.00 -0.29 4.77
N ALA A 169 10.47 -0.08 3.56
CA ALA A 169 11.43 -0.99 2.91
C ALA A 169 12.76 -0.98 3.68
N GLN A 170 13.22 0.22 4.06
CA GLN A 170 14.40 0.32 4.90
C GLN A 170 14.21 -0.40 6.27
N ALA A 171 13.01 -0.39 6.84
CA ALA A 171 12.76 -1.06 8.10
C ALA A 171 12.91 -2.56 7.92
N ARG A 172 12.41 -3.04 6.79
CA ARG A 172 12.45 -4.45 6.51
C ARG A 172 13.91 -4.91 6.38
N THR A 173 14.68 -4.17 5.60
CA THR A 173 16.07 -4.57 5.39
C THR A 173 16.93 -4.46 6.65
N PHE A 174 16.73 -3.41 7.46
CA PHE A 174 17.42 -3.29 8.73
C PHE A 174 17.10 -4.43 9.68
N ALA A 175 15.84 -4.83 9.81
CA ALA A 175 15.47 -5.97 10.64
C ALA A 175 16.20 -7.25 10.25
N ALA A 176 16.32 -7.47 8.95
CA ALA A 176 17.04 -8.65 8.42
C ALA A 176 18.49 -8.61 8.82
N GLU A 177 19.09 -7.44 8.68
CA GLU A 177 20.48 -7.23 9.11
C GLU A 177 20.69 -7.49 10.60
N LEU A 178 19.79 -7.01 11.46
CA LEU A 178 19.86 -7.33 12.86
C LEU A 178 19.65 -8.80 13.11
N GLN A 179 18.71 -9.44 12.40
CA GLN A 179 18.44 -10.87 12.64
C GLN A 179 19.70 -11.73 12.43
N GLN A 180 20.47 -11.38 11.41
CA GLN A 180 21.74 -12.02 11.05
C GLN A 180 22.81 -11.81 12.12
N GLN A 181 22.83 -10.61 12.71
CA GLN A 181 23.74 -10.28 13.79
C GLN A 181 23.32 -10.89 15.14
N ALA A 182 22.05 -11.25 15.33
CA ALA A 182 21.60 -11.88 16.59
C ALA A 182 20.70 -13.09 16.33
N PRO A 183 21.31 -14.25 16.03
CA PRO A 183 20.50 -15.43 15.68
C PRO A 183 19.69 -16.01 16.86
N GLN A 184 20.06 -15.65 18.08
CA GLN A 184 19.22 -15.94 19.25
C GLN A 184 17.85 -15.26 19.20
N LEU A 185 17.74 -14.12 18.51
CA LEU A 185 16.46 -13.35 18.51
C LEU A 185 15.48 -13.89 17.46
N ARG A 186 14.23 -14.07 17.85
CA ARG A 186 13.10 -14.45 16.95
C ARG A 186 12.50 -13.08 16.47
N LEU A 187 13.26 -12.37 15.64
CA LEU A 187 12.86 -11.06 15.08
C LEU A 187 11.98 -11.21 13.82
N THR A 188 10.82 -11.79 14.00
CA THR A 188 9.98 -12.16 12.90
C THR A 188 8.94 -11.09 12.51
N GLU A 189 8.85 -10.02 13.28
CA GLU A 189 7.74 -9.09 13.11
C GLU A 189 8.20 -7.69 12.69
N LEU A 190 7.32 -7.00 11.98
CA LEU A 190 7.50 -5.58 11.60
C LEU A 190 6.19 -4.90 11.90
N SER A 191 6.22 -4.03 12.89
CA SER A 191 5.04 -3.29 13.33
C SER A 191 5.11 -1.94 12.66
N MET A 192 4.34 -1.82 11.58
CA MET A 192 4.34 -0.62 10.76
C MET A 192 3.10 -0.51 9.93
N GLY A 193 2.69 0.74 9.72
CA GLY A 193 1.52 1.06 8.95
C GLY A 193 0.37 1.46 9.86
N MET A 194 -0.20 2.60 9.58
CA MET A 194 -1.33 3.15 10.28
C MET A 194 -2.40 3.50 9.27
N SER A 195 -3.42 4.26 9.67
CA SER A 195 -4.59 4.46 8.80
C SER A 195 -4.25 4.94 7.42
N SER A 196 -3.34 5.90 7.33
CA SER A 196 -3.05 6.47 6.03
C SER A 196 -2.07 5.65 5.18
N ASP A 197 -1.23 4.84 5.79
CA ASP A 197 -0.17 4.23 5.00
C ASP A 197 -0.08 2.72 5.13
N TRP A 198 -1.06 2.08 5.76
CA TRP A 198 -0.95 0.63 5.96
C TRP A 198 -0.78 -0.16 4.65
N PRO A 199 -1.42 0.23 3.54
CA PRO A 199 -1.16 -0.61 2.35
C PRO A 199 0.32 -0.60 1.92
N LEU A 200 1.00 0.55 2.07
CA LEU A 200 2.43 0.64 1.80
C LEU A 200 3.21 -0.27 2.71
N ALA A 201 2.86 -0.24 4.01
CA ALA A 201 3.52 -1.08 5.01
C ALA A 201 3.37 -2.57 4.64
N VAL A 202 2.15 -2.96 4.29
CA VAL A 202 1.92 -4.37 3.95
C VAL A 202 2.77 -4.79 2.77
N ALA A 203 2.78 -3.97 1.75
CA ALA A 203 3.60 -4.24 0.57
C ALA A 203 5.10 -4.39 0.87
N GLU A 204 5.59 -3.72 1.91
CA GLU A 204 6.99 -3.82 2.28
C GLU A 204 7.26 -4.80 3.42
N GLY A 205 6.28 -5.59 3.80
CA GLY A 205 6.53 -6.67 4.72
C GLY A 205 6.07 -6.55 6.15
N ALA A 206 5.20 -5.60 6.45
CA ALA A 206 4.59 -5.46 7.78
C ALA A 206 3.89 -6.74 8.17
N THR A 207 4.00 -7.14 9.42
CA THR A 207 3.26 -8.27 9.95
C THR A 207 2.18 -7.84 10.95
N TRP A 208 2.33 -6.63 11.51
CA TRP A 208 1.33 -5.99 12.39
C TRP A 208 1.08 -4.63 11.83
N ILE A 209 -0.19 -4.30 11.55
CA ILE A 209 -0.54 -2.95 11.23
C ILE A 209 -1.35 -2.37 12.36
N ARG A 210 -1.40 -1.06 12.44
CA ARG A 210 -1.95 -0.39 13.63
C ARG A 210 -2.91 0.66 13.17
N VAL A 211 -4.19 0.30 13.10
CA VAL A 211 -5.15 1.18 12.48
C VAL A 211 -6.16 1.69 13.49
N GLY A 212 -6.29 3.01 13.56
CA GLY A 212 -7.26 3.62 14.49
C GLY A 212 -8.42 4.30 13.78
N THR A 213 -8.15 5.49 13.28
CA THR A 213 -9.15 6.34 12.64
C THR A 213 -9.96 5.67 11.53
N GLN A 214 -9.30 4.96 10.62
CA GLN A 214 -10.09 4.28 9.56
C GLN A 214 -11.13 3.28 10.11
N LEU A 215 -10.90 2.72 11.31
CA LEU A 215 -11.86 1.79 11.91
C LEU A 215 -12.85 2.44 12.81
N PHE A 216 -12.36 3.31 13.67
CA PHE A 216 -13.19 3.88 14.71
C PHE A 216 -13.71 5.25 14.33
N GLY A 217 -13.26 5.80 13.22
CA GLY A 217 -13.55 7.19 12.89
C GLY A 217 -12.82 8.13 13.84
N PRO A 218 -13.13 9.43 13.73
CA PRO A 218 -12.42 10.42 14.55
C PRO A 218 -12.89 10.48 16.03
N ARG A 219 -12.04 11.04 16.89
CA ARG A 219 -12.19 11.06 18.36
C ARG A 219 -13.55 11.55 18.86
N GLN B 3 17.03 -11.14 -11.06
CA GLN B 3 16.47 -9.98 -10.31
C GLN B 3 15.03 -9.71 -10.76
N ILE B 4 14.84 -9.61 -12.08
CA ILE B 4 13.50 -9.32 -12.65
C ILE B 4 12.46 -10.37 -12.24
N ALA B 5 12.87 -11.63 -12.27
CA ALA B 5 12.01 -12.75 -11.92
C ALA B 5 11.55 -12.75 -10.49
N GLU B 6 12.49 -12.47 -9.56
CA GLU B 6 12.18 -12.32 -8.17
C GLU B 6 11.25 -11.18 -7.92
N ARG B 7 11.55 -10.03 -8.52
CA ARG B 7 10.74 -8.84 -8.35
C ARG B 7 9.32 -9.04 -8.83
N LEU B 8 9.17 -9.73 -9.96
CA LEU B 8 7.84 -10.10 -10.47
C LEU B 8 7.09 -11.06 -9.57
N ALA B 9 7.79 -12.08 -9.10
CA ALA B 9 7.18 -13.10 -8.25
C ALA B 9 6.63 -12.48 -6.95
N SER B 10 7.40 -11.57 -6.39
CA SER B 10 6.99 -10.87 -5.19
C SER B 10 5.73 -10.03 -5.41
N LEU B 11 5.77 -9.23 -6.46
CA LEU B 11 4.67 -8.37 -6.78
C LEU B 11 3.37 -9.20 -7.03
N ARG B 12 3.43 -10.28 -7.79
CA ARG B 12 2.25 -11.15 -8.03
C ARG B 12 1.67 -11.83 -6.79
N SER B 13 2.52 -12.22 -5.86
CA SER B 13 2.05 -12.79 -4.62
C SER B 13 1.25 -11.79 -3.78
N GLN B 14 1.57 -10.51 -3.90
CA GLN B 14 0.83 -9.49 -3.19
C GLN B 14 -0.50 -9.14 -3.81
N LEU B 15 -0.61 -9.26 -5.12
CA LEU B 15 -1.78 -8.72 -5.84
C LEU B 15 -2.97 -9.69 -5.81
N PRO B 16 -4.18 -9.20 -5.45
CA PRO B 16 -5.36 -10.05 -5.54
C PRO B 16 -5.70 -10.37 -6.98
N PRO B 17 -6.57 -11.40 -7.19
CA PRO B 17 -6.87 -11.76 -8.58
C PRO B 17 -7.58 -10.63 -9.36
N SER B 18 -8.23 -9.69 -8.68
CA SER B 18 -8.86 -8.55 -9.39
C SER B 18 -7.88 -7.51 -10.01
N VAL B 19 -6.56 -7.64 -9.79
CA VAL B 19 -5.58 -6.65 -10.22
C VAL B 19 -4.61 -7.29 -11.13
N GLN B 20 -4.30 -6.61 -12.21
CA GLN B 20 -3.34 -7.07 -13.15
C GLN B 20 -2.22 -6.02 -13.28
N LEU B 21 -1.01 -6.49 -13.46
CA LEU B 21 0.15 -5.65 -13.50
C LEU B 21 0.55 -5.34 -14.90
N ILE B 22 0.74 -4.08 -15.23
CA ILE B 22 1.42 -3.71 -16.46
C ILE B 22 2.89 -3.44 -16.09
N ALA B 23 3.82 -4.15 -16.73
CA ALA B 23 5.25 -3.91 -16.50
C ALA B 23 5.65 -2.75 -17.41
N VAL B 24 6.13 -1.67 -16.83
CA VAL B 24 6.35 -0.47 -17.65
C VAL B 24 7.82 -0.49 -18.08
N SER B 25 8.01 -0.75 -19.36
CA SER B 25 9.33 -1.00 -19.94
C SER B 25 9.90 0.22 -20.67
N LYS B 26 9.26 1.39 -20.52
CA LYS B 26 9.61 2.62 -21.28
C LYS B 26 11.04 3.21 -21.21
N ASN B 27 11.92 2.74 -20.33
CA ASN B 27 13.34 3.15 -20.46
C ASN B 27 14.29 1.96 -20.49
N HIS B 28 13.84 0.87 -21.10
CA HIS B 28 14.62 -0.35 -21.10
C HIS B 28 14.56 -1.00 -22.44
N PRO B 29 15.59 -1.79 -22.80
CA PRO B 29 15.63 -2.43 -24.09
C PRO B 29 14.74 -3.68 -24.13
N ALA B 30 14.64 -4.24 -25.33
CA ALA B 30 13.84 -5.44 -25.56
C ALA B 30 14.31 -6.67 -24.80
N ALA B 31 15.61 -6.76 -24.55
CA ALA B 31 16.15 -7.84 -23.70
C ALA B 31 15.48 -7.91 -22.33
N ALA B 32 15.19 -6.76 -21.74
CA ALA B 32 14.51 -6.67 -20.45
C ALA B 32 13.06 -7.17 -20.48
N ILE B 33 12.35 -6.82 -21.54
CA ILE B 33 11.02 -7.40 -21.80
C ILE B 33 11.12 -8.91 -21.92
N ARG B 34 12.13 -9.37 -22.66
CA ARG B 34 12.33 -10.79 -22.87
C ARG B 34 12.57 -11.51 -21.57
N GLU B 35 13.38 -10.93 -20.66
CA GLU B 35 13.58 -11.51 -19.34
C GLU B 35 12.29 -11.51 -18.52
N ALA B 36 11.52 -10.43 -18.62
CA ALA B 36 10.28 -10.37 -17.83
C ALA B 36 9.30 -11.44 -18.35
N TYR B 37 9.25 -11.61 -19.67
CA TYR B 37 8.39 -12.60 -20.35
C TYR B 37 8.70 -14.04 -19.94
N ALA B 38 10.00 -14.37 -19.90
CA ALA B 38 10.48 -15.66 -19.39
C ALA B 38 10.02 -15.94 -17.96
N ALA B 39 9.80 -14.89 -17.16
CA ALA B 39 9.27 -15.04 -15.82
C ALA B 39 7.74 -15.00 -15.78
N GLY B 40 7.06 -15.03 -16.92
CA GLY B 40 5.60 -15.09 -16.96
C GLY B 40 4.85 -13.78 -17.24
N GLN B 41 5.53 -12.65 -17.27
CA GLN B 41 4.87 -11.38 -17.60
C GLN B 41 4.45 -11.24 -19.07
N ARG B 42 3.23 -10.74 -19.26
CA ARG B 42 2.61 -10.61 -20.59
C ARG B 42 2.21 -9.19 -20.99
N HIS B 43 1.95 -8.33 -20.01
CA HIS B 43 1.40 -7.01 -20.26
C HIS B 43 2.56 -6.02 -20.08
N PHE B 44 2.83 -5.26 -21.12
CA PHE B 44 3.96 -4.32 -21.14
C PHE B 44 3.44 -2.96 -21.53
N GLY B 45 4.02 -1.94 -20.88
CA GLY B 45 3.56 -0.56 -21.00
C GLY B 45 4.71 0.34 -21.50
N GLU B 46 4.39 1.23 -22.41
CA GLU B 46 5.36 2.15 -23.06
C GLU B 46 4.73 3.52 -23.10
N ASN B 47 5.56 4.57 -23.10
CA ASN B 47 5.04 5.95 -23.18
C ASN B 47 5.09 6.51 -24.55
N ARG B 48 6.02 6.02 -25.36
CA ARG B 48 6.27 6.52 -26.69
C ARG B 48 6.02 5.45 -27.74
N VAL B 49 5.26 5.80 -28.76
CA VAL B 49 4.83 4.87 -29.80
C VAL B 49 5.98 4.24 -30.59
N GLN B 50 6.95 5.06 -30.95
CA GLN B 50 8.07 4.62 -31.77
C GLN B 50 9.06 3.74 -31.01
N GLU B 51 9.31 4.08 -29.74
CA GLU B 51 10.14 3.22 -28.87
C GLU B 51 9.52 1.80 -28.87
N ALA B 52 8.19 1.73 -28.78
CA ALA B 52 7.45 0.43 -28.77
C ALA B 52 7.58 -0.37 -30.08
N ILE B 53 7.46 0.32 -31.22
CA ILE B 53 7.59 -0.33 -32.53
C ILE B 53 8.96 -0.97 -32.67
N ALA B 54 10.00 -0.25 -32.29
CA ALA B 54 11.37 -0.77 -32.33
C ALA B 54 11.56 -2.05 -31.49
N LYS B 55 11.02 -2.02 -30.27
CA LYS B 55 11.12 -3.18 -29.39
C LYS B 55 10.31 -4.34 -29.93
N GLN B 56 9.11 -4.06 -30.42
CA GLN B 56 8.28 -5.08 -31.03
C GLN B 56 8.96 -5.82 -32.17
N ALA B 57 9.72 -5.10 -32.97
CA ALA B 57 10.44 -5.71 -34.07
C ALA B 57 11.52 -6.67 -33.57
N GLU B 58 12.01 -6.48 -32.32
CA GLU B 58 12.96 -7.42 -31.69
C GLU B 58 12.29 -8.60 -30.92
N LEU B 59 10.97 -8.66 -30.90
CA LEU B 59 10.24 -9.64 -30.04
C LEU B 59 9.13 -10.36 -30.81
N THR B 60 9.33 -10.52 -32.10
CA THR B 60 8.28 -11.09 -32.95
C THR B 60 8.09 -12.61 -32.69
N ASP B 61 9.12 -13.26 -32.16
CA ASP B 61 9.01 -14.67 -31.82
C ASP B 61 8.19 -14.92 -30.55
N LEU B 62 7.82 -13.88 -29.80
CA LEU B 62 7.02 -14.06 -28.56
C LEU B 62 5.53 -13.78 -28.84
N PRO B 63 4.68 -14.83 -28.81
CA PRO B 63 3.34 -14.70 -29.32
C PRO B 63 2.31 -14.08 -28.38
N ASP B 64 2.57 -14.04 -27.07
CA ASP B 64 1.48 -13.72 -26.06
C ASP B 64 1.66 -12.35 -25.37
N LEU B 65 2.32 -11.41 -26.05
CA LEU B 65 2.47 -10.05 -25.48
C LEU B 65 1.20 -9.24 -25.65
N THR B 66 0.85 -8.45 -24.65
CA THR B 66 -0.18 -7.40 -24.75
C THR B 66 0.51 -6.06 -24.43
N TRP B 67 0.31 -5.11 -25.30
CA TRP B 67 1.01 -3.80 -25.27
C TRP B 67 0.04 -2.75 -24.88
N HIS B 68 0.48 -1.92 -23.93
CA HIS B 68 -0.30 -0.83 -23.40
C HIS B 68 0.44 0.52 -23.64
N LEU B 69 -0.29 1.48 -24.20
CA LEU B 69 0.23 2.84 -24.39
C LEU B 69 -0.17 3.73 -23.24
N LEU B 70 0.83 4.24 -22.55
CA LEU B 70 0.58 4.99 -21.33
C LEU B 70 0.88 6.48 -21.36
N GLY B 71 1.46 6.98 -22.44
CA GLY B 71 1.81 8.38 -22.56
C GLY B 71 0.91 9.12 -23.52
N LYS B 72 0.84 10.45 -23.32
CA LYS B 72 0.22 11.39 -24.24
C LYS B 72 0.47 10.96 -25.67
N LEU B 73 -0.57 10.96 -26.49
CA LEU B 73 -0.55 10.43 -27.85
C LEU B 73 -0.88 11.58 -28.81
N GLN B 74 0.07 11.92 -29.68
CA GLN B 74 -0.13 13.01 -30.65
C GLN B 74 -0.98 12.54 -31.82
N SER B 75 -1.45 13.47 -32.65
CA SER B 75 -2.33 13.13 -33.78
C SER B 75 -1.63 12.31 -34.85
N ASN B 76 -0.35 12.62 -35.10
CA ASN B 76 0.41 11.96 -36.18
C ASN B 76 0.63 10.45 -35.89
N LYS B 77 0.82 10.12 -34.62
CA LYS B 77 1.09 8.75 -34.20
C LYS B 77 -0.15 7.88 -33.96
N ALA B 78 -1.34 8.49 -33.93
CA ALA B 78 -2.60 7.79 -33.59
C ALA B 78 -2.88 6.55 -34.44
N ARG B 79 -2.54 6.64 -35.72
CA ARG B 79 -2.71 5.53 -36.63
C ARG B 79 -1.86 4.36 -36.17
N LYS B 80 -0.60 4.64 -35.87
CA LYS B 80 0.33 3.58 -35.48
C LYS B 80 -0.06 3.04 -34.09
N ALA B 81 -0.59 3.91 -33.23
CA ALA B 81 -1.12 3.51 -31.91
C ALA B 81 -2.15 2.41 -32.05
N VAL B 82 -3.07 2.62 -33.00
CA VAL B 82 -4.11 1.64 -33.23
C VAL B 82 -3.49 0.35 -33.80
N GLU B 83 -2.49 0.47 -34.66
CA GLU B 83 -1.85 -0.72 -35.25
C GLU B 83 -1.12 -1.58 -34.24
N HIS B 84 -0.38 -0.95 -33.34
CA HIS B 84 0.61 -1.64 -32.51
C HIS B 84 0.25 -1.85 -31.05
N PHE B 85 -0.87 -1.29 -30.58
CA PHE B 85 -1.25 -1.44 -29.18
C PHE B 85 -2.64 -2.05 -29.00
N ASP B 86 -2.77 -2.81 -27.92
CA ASP B 86 -4.00 -3.44 -27.53
C ASP B 86 -4.80 -2.55 -26.61
N TRP B 87 -4.12 -1.85 -25.68
CA TRP B 87 -4.77 -0.91 -24.77
C TRP B 87 -4.10 0.49 -24.98
N ILE B 88 -4.94 1.51 -24.97
CA ILE B 88 -4.46 2.90 -24.89
C ILE B 88 -5.08 3.56 -23.68
N HIS B 89 -4.25 3.92 -22.70
CA HIS B 89 -4.75 4.41 -21.45
C HIS B 89 -4.81 5.92 -21.42
N SER B 90 -4.21 6.58 -22.40
CA SER B 90 -3.92 8.02 -22.31
C SER B 90 -4.93 8.88 -23.06
N VAL B 91 -6.15 8.40 -23.24
CA VAL B 91 -7.11 9.10 -24.06
C VAL B 91 -7.66 10.26 -23.24
N ASP B 92 -7.37 11.46 -23.73
CA ASP B 92 -7.60 12.69 -22.95
C ASP B 92 -8.58 13.71 -23.59
N SER B 93 -9.14 13.41 -24.76
CA SER B 93 -10.06 14.34 -25.45
C SER B 93 -11.00 13.62 -26.42
N TRP B 94 -12.11 14.32 -26.75
CA TRP B 94 -13.13 13.85 -27.69
C TRP B 94 -12.52 13.67 -29.08
N ALA B 95 -11.72 14.65 -29.49
CA ALA B 95 -11.05 14.61 -30.79
C ALA B 95 -10.19 13.38 -30.97
N LEU B 96 -9.43 13.04 -29.93
CA LEU B 96 -8.54 11.89 -29.99
C LEU B 96 -9.32 10.60 -30.04
N ALA B 97 -10.38 10.53 -29.25
CA ALA B 97 -11.21 9.32 -29.24
C ALA B 97 -11.85 9.07 -30.61
N GLU B 98 -12.41 10.12 -31.22
CA GLU B 98 -13.01 10.02 -32.56
C GLU B 98 -11.98 9.53 -33.58
N ARG B 99 -10.82 10.19 -33.62
CA ARG B 99 -9.73 9.78 -34.52
C ARG B 99 -9.35 8.26 -34.38
N LEU B 100 -9.25 7.79 -33.12
CA LEU B 100 -8.99 6.39 -32.85
C LEU B 100 -10.16 5.52 -33.26
N ASP B 101 -11.38 5.95 -32.92
CA ASP B 101 -12.60 5.20 -33.28
C ASP B 101 -12.81 5.04 -34.78
N ARG B 102 -12.47 6.10 -35.54
CA ARG B 102 -12.52 6.06 -37.01
C ARG B 102 -11.35 5.24 -37.58
N ILE B 103 -10.13 5.47 -37.07
CA ILE B 103 -8.93 4.69 -37.47
C ILE B 103 -9.00 3.18 -37.18
N ALA B 104 -9.63 2.82 -36.06
CA ALA B 104 -9.91 1.41 -35.74
C ALA B 104 -10.84 0.77 -36.78
N GLY B 105 -11.97 1.45 -37.05
CA GLY B 105 -12.95 1.02 -38.07
C GLY B 105 -12.34 0.71 -39.43
N GLU B 106 -11.39 1.54 -39.88
CA GLU B 106 -10.67 1.29 -41.14
C GLU B 106 -9.81 0.04 -41.04
N LEU B 107 -9.04 -0.06 -39.95
CA LEU B 107 -8.15 -1.20 -39.71
C LEU B 107 -8.87 -2.49 -39.31
N GLY B 108 -10.12 -2.43 -38.84
CA GLY B 108 -10.85 -3.64 -38.33
C GLY B 108 -10.50 -4.01 -36.90
N ARG B 109 -10.09 -3.01 -36.11
CA ARG B 109 -9.62 -3.24 -34.77
C ARG B 109 -10.58 -2.70 -33.71
N SER B 110 -10.34 -3.09 -32.45
CA SER B 110 -11.11 -2.51 -31.33
C SER B 110 -10.19 -2.25 -30.14
N PRO B 111 -9.47 -1.13 -30.15
CA PRO B 111 -8.59 -0.94 -29.02
C PRO B 111 -9.39 -0.69 -27.74
N LYS B 112 -8.82 -1.15 -26.64
CA LYS B 112 -9.39 -0.96 -25.35
C LYS B 112 -8.83 0.36 -24.82
N LEU B 113 -9.73 1.22 -24.33
CA LEU B 113 -9.35 2.57 -23.93
C LEU B 113 -9.66 2.84 -22.49
N CYS B 114 -8.75 3.58 -21.84
CA CYS B 114 -9.06 4.19 -20.60
C CYS B 114 -9.04 5.68 -20.85
N LEU B 115 -9.89 6.38 -20.12
CA LEU B 115 -9.97 7.82 -20.26
C LEU B 115 -9.09 8.44 -19.19
N GLN B 116 -8.00 9.09 -19.60
CA GLN B 116 -7.06 9.75 -18.68
C GLN B 116 -7.68 11.04 -18.12
N VAL B 117 -7.97 11.04 -16.82
CA VAL B 117 -8.64 12.15 -16.16
C VAL B 117 -7.72 12.94 -15.19
N LYS B 118 -7.68 14.26 -15.38
CA LYS B 118 -6.97 15.16 -14.47
C LYS B 118 -7.91 15.58 -13.32
N LEU B 119 -7.74 14.97 -12.14
CA LEU B 119 -8.50 15.28 -10.90
C LEU B 119 -7.83 16.27 -9.89
N LEU B 120 -6.58 16.66 -10.14
CA LEU B 120 -5.89 17.69 -9.37
C LEU B 120 -4.94 18.46 -10.27
N PRO B 121 -4.57 19.70 -9.89
CA PRO B 121 -3.55 20.42 -10.64
C PRO B 121 -2.25 19.62 -10.82
N ASP B 122 -1.64 19.75 -12.00
CA ASP B 122 -0.56 18.88 -12.48
C ASP B 122 -0.16 19.30 -13.91
N ALA B 126 -1.05 16.38 -18.32
CA ALA B 126 -2.48 16.64 -18.15
C ALA B 126 -3.40 15.59 -18.83
N GLY B 127 -4.71 15.70 -18.57
CA GLY B 127 -5.75 14.77 -19.05
C GLY B 127 -7.12 15.45 -19.23
N TRP B 128 -8.24 14.69 -19.25
CA TRP B 128 -9.61 15.28 -19.35
C TRP B 128 -9.83 16.16 -18.15
N ASP B 129 -10.43 17.35 -18.34
CA ASP B 129 -11.03 18.11 -17.22
C ASP B 129 -12.33 17.35 -16.90
N PRO B 130 -12.66 17.14 -15.60
CA PRO B 130 -13.84 16.33 -15.28
C PRO B 130 -15.16 16.84 -15.84
N ALA B 131 -15.39 18.15 -15.85
CA ALA B 131 -16.61 18.72 -16.42
C ALA B 131 -16.76 18.38 -17.91
N ASP B 132 -15.67 18.55 -18.66
CA ASP B 132 -15.66 18.26 -20.10
C ASP B 132 -15.94 16.80 -20.43
N LEU B 133 -15.41 15.88 -19.63
CA LEU B 133 -15.67 14.43 -19.78
C LEU B 133 -17.13 14.09 -19.40
N ARG B 134 -17.59 14.59 -18.27
CA ARG B 134 -19.00 14.50 -17.88
C ARG B 134 -19.92 15.07 -18.98
N ALA B 135 -19.49 16.19 -19.58
CA ALA B 135 -20.23 16.84 -20.69
C ALA B 135 -20.19 16.03 -22.00
N GLU B 136 -19.03 15.48 -22.37
CA GLU B 136 -18.87 14.74 -23.63
C GLU B 136 -19.19 13.26 -23.49
N LEU B 137 -19.89 12.86 -22.41
CA LEU B 137 -20.15 11.45 -22.12
C LEU B 137 -21.18 10.77 -23.02
N PRO B 138 -22.26 11.50 -23.37
CA PRO B 138 -23.23 10.99 -24.33
C PRO B 138 -22.59 10.64 -25.68
N GLN B 139 -21.67 11.49 -26.14
CA GLN B 139 -20.92 11.24 -27.38
C GLN B 139 -20.07 9.96 -27.26
N LEU B 140 -19.25 9.88 -26.20
CA LEU B 140 -18.38 8.71 -25.92
C LEU B 140 -19.13 7.38 -25.96
N SER B 141 -20.29 7.33 -25.31
CA SER B 141 -21.13 6.14 -25.21
C SER B 141 -21.64 5.57 -26.53
N GLN B 142 -21.71 6.40 -27.57
CA GLN B 142 -22.15 5.98 -28.92
C GLN B 142 -21.03 5.35 -29.76
N LEU B 143 -19.75 5.55 -29.41
CA LEU B 143 -18.65 5.00 -30.23
C LEU B 143 -18.73 3.47 -30.13
N GLN B 144 -18.59 2.79 -31.27
CA GLN B 144 -18.81 1.34 -31.32
C GLN B 144 -17.60 0.53 -31.84
N GLN B 145 -16.57 1.17 -32.43
CA GLN B 145 -15.37 0.41 -32.83
C GLN B 145 -14.22 0.55 -31.80
N VAL B 146 -14.54 1.04 -30.60
CA VAL B 146 -13.61 1.05 -29.44
C VAL B 146 -14.32 0.60 -28.18
N GLN B 147 -13.54 0.15 -27.19
CA GLN B 147 -14.15 -0.26 -25.94
C GLN B 147 -13.58 0.63 -24.86
N ILE B 148 -14.41 1.53 -24.35
CA ILE B 148 -14.04 2.40 -23.27
C ILE B 148 -14.30 1.58 -22.03
N ARG B 149 -13.21 1.17 -21.37
CA ARG B 149 -13.28 0.25 -20.28
C ARG B 149 -13.20 0.87 -18.88
N GLY B 150 -12.72 2.12 -18.79
CA GLY B 150 -12.55 2.76 -17.49
C GLY B 150 -11.74 4.03 -17.56
N LEU B 151 -11.15 4.40 -16.42
CA LEU B 151 -10.39 5.60 -16.25
C LEU B 151 -8.92 5.32 -15.88
N MET B 152 -8.07 6.28 -16.23
CA MET B 152 -6.70 6.33 -15.76
C MET B 152 -6.49 7.62 -14.98
N VAL B 153 -5.81 7.52 -13.83
CA VAL B 153 -5.45 8.72 -13.09
C VAL B 153 -3.99 8.57 -12.69
N ILE B 154 -3.25 9.66 -12.78
CA ILE B 154 -1.86 9.73 -12.40
C ILE B 154 -1.77 10.80 -11.30
N ALA B 155 -1.11 10.49 -10.20
CA ALA B 155 -1.04 11.47 -9.12
C ALA B 155 0.00 12.52 -9.48
N PRO B 156 -0.26 13.80 -9.16
CA PRO B 156 0.83 14.81 -9.17
C PRO B 156 2.00 14.40 -8.27
N LEU B 157 3.26 14.69 -8.65
CA LEU B 157 4.45 14.46 -7.77
C LEU B 157 4.20 15.00 -6.34
N GLY B 158 4.65 14.25 -5.33
CA GLY B 158 4.74 14.75 -3.96
C GLY B 158 3.41 14.80 -3.20
N LEU B 159 2.55 13.82 -3.43
CA LEU B 159 1.37 13.76 -2.60
C LEU B 159 1.75 12.94 -1.39
N THR B 160 1.17 13.26 -0.23
CA THR B 160 1.25 12.32 0.90
C THR B 160 0.43 11.06 0.63
N ALA B 161 0.68 10.01 1.42
CA ALA B 161 -0.11 8.81 1.36
C ALA B 161 -1.59 9.11 1.51
N ALA B 162 -1.94 9.99 2.45
CA ALA B 162 -3.35 10.32 2.63
C ALA B 162 -3.91 11.07 1.44
N GLU B 163 -3.18 12.03 0.90
CA GLU B 163 -3.63 12.73 -0.32
C GLU B 163 -3.72 11.76 -1.53
N THR B 164 -2.77 10.83 -1.62
CA THR B 164 -2.84 9.78 -2.62
C THR B 164 -4.03 8.82 -2.45
N GLN B 165 -4.28 8.25 -1.27
CA GLN B 165 -5.52 7.48 -1.02
C GLN B 165 -6.77 8.23 -1.50
N ALA B 166 -6.87 9.51 -1.15
CA ALA B 166 -8.07 10.31 -1.47
C ALA B 166 -8.20 10.55 -2.94
N LEU B 167 -7.09 10.80 -3.64
CA LEU B 167 -7.17 10.93 -5.09
C LEU B 167 -7.68 9.63 -5.72
N PHE B 168 -7.17 8.49 -5.27
CA PHE B 168 -7.58 7.21 -5.87
C PHE B 168 -9.04 6.88 -5.54
N ALA B 169 -9.45 7.15 -4.31
CA ALA B 169 -10.85 6.99 -3.90
C ALA B 169 -11.76 7.88 -4.75
N GLN B 170 -11.31 9.09 -5.01
CA GLN B 170 -12.07 10.00 -5.85
C GLN B 170 -12.23 9.43 -7.27
N ALA B 171 -11.21 8.73 -7.78
CA ALA B 171 -11.26 8.17 -9.15
C ALA B 171 -12.28 7.08 -9.24
N ARG B 172 -12.37 6.28 -8.18
CA ARG B 172 -13.34 5.22 -8.06
C ARG B 172 -14.72 5.81 -7.98
N THR B 173 -14.93 6.73 -7.03
CA THR B 173 -16.28 7.26 -6.83
C THR B 173 -16.69 8.10 -8.04
N PHE B 174 -15.73 8.69 -8.75
CA PHE B 174 -16.03 9.36 -10.01
C PHE B 174 -16.41 8.43 -11.17
N ALA B 175 -15.69 7.34 -11.33
CA ALA B 175 -16.00 6.26 -12.30
C ALA B 175 -17.42 5.71 -12.11
N ALA B 176 -17.82 5.56 -10.86
CA ALA B 176 -19.15 5.09 -10.53
C ALA B 176 -20.25 6.13 -10.85
N GLU B 177 -19.94 7.41 -10.60
CA GLU B 177 -20.81 8.52 -10.99
C GLU B 177 -20.94 8.57 -12.49
N LEU B 178 -19.87 8.27 -13.23
CA LEU B 178 -19.95 8.23 -14.69
C LEU B 178 -20.76 7.02 -15.13
N GLN B 179 -20.50 5.88 -14.51
CA GLN B 179 -21.23 4.64 -14.79
C GLN B 179 -22.75 4.75 -14.64
N GLN B 180 -23.21 5.58 -13.71
CA GLN B 180 -24.63 5.77 -13.44
C GLN B 180 -25.27 6.75 -14.43
N GLN B 181 -24.55 7.82 -14.80
CA GLN B 181 -24.98 8.72 -15.87
C GLN B 181 -24.91 8.08 -17.27
N ALA B 182 -24.09 7.05 -17.46
CA ALA B 182 -23.95 6.39 -18.77
C ALA B 182 -24.00 4.88 -18.66
N PRO B 183 -25.16 4.32 -18.23
CA PRO B 183 -25.29 2.88 -17.97
C PRO B 183 -25.13 1.94 -19.19
N GLN B 184 -24.95 2.50 -20.37
CA GLN B 184 -24.64 1.70 -21.54
C GLN B 184 -23.19 1.31 -21.54
N LEU B 185 -22.31 2.14 -20.96
CA LEU B 185 -20.88 1.85 -20.94
C LEU B 185 -20.54 0.89 -19.80
N ARG B 186 -19.54 0.03 -19.98
CA ARG B 186 -19.06 -0.79 -18.86
C ARG B 186 -17.70 -0.30 -18.38
N LEU B 187 -17.78 0.68 -17.48
CA LEU B 187 -16.62 1.34 -16.88
C LEU B 187 -16.14 0.57 -15.68
N THR B 188 -15.59 -0.61 -15.91
CA THR B 188 -15.24 -1.51 -14.82
C THR B 188 -13.77 -1.40 -14.31
N GLU B 189 -12.94 -0.65 -15.05
CA GLU B 189 -11.47 -0.72 -14.87
C GLU B 189 -10.98 0.59 -14.32
N LEU B 190 -9.98 0.55 -13.43
CA LEU B 190 -9.29 1.72 -12.96
C LEU B 190 -7.80 1.49 -13.12
N SER B 191 -7.19 2.31 -13.96
CA SER B 191 -5.79 2.24 -14.27
C SER B 191 -5.14 3.28 -13.40
N MET B 192 -4.61 2.82 -12.30
CA MET B 192 -3.97 3.73 -11.36
C MET B 192 -3.03 3.00 -10.46
N GLY B 193 -1.99 3.68 -10.07
CA GLY B 193 -0.98 3.14 -9.17
C GLY B 193 0.30 2.93 -9.96
N MET B 194 1.41 3.51 -9.51
CA MET B 194 2.74 3.33 -10.12
C MET B 194 3.71 2.79 -9.09
N SER B 195 5.02 2.77 -9.37
CA SER B 195 6.00 2.11 -8.48
C SER B 195 5.84 2.50 -7.01
N SER B 196 5.62 3.79 -6.76
CA SER B 196 5.67 4.30 -5.40
C SER B 196 4.32 4.35 -4.69
N ASP B 197 3.21 4.24 -5.42
CA ASP B 197 1.88 4.31 -4.81
C ASP B 197 0.88 3.18 -5.10
N TRP B 198 1.31 2.16 -5.87
CA TRP B 198 0.38 1.08 -6.26
C TRP B 198 -0.32 0.41 -5.12
N PRO B 199 0.35 0.21 -3.94
CA PRO B 199 -0.47 -0.38 -2.86
C PRO B 199 -1.68 0.47 -2.43
N LEU B 200 -1.55 1.79 -2.44
CA LEU B 200 -2.65 2.65 -2.12
C LEU B 200 -3.77 2.53 -3.19
N ALA B 201 -3.37 2.44 -4.46
CA ALA B 201 -4.29 2.26 -5.60
C ALA B 201 -5.06 0.94 -5.47
N VAL B 202 -4.37 -0.15 -5.18
CA VAL B 202 -5.03 -1.44 -5.00
C VAL B 202 -6.03 -1.33 -3.86
N ALA B 203 -5.65 -0.69 -2.74
CA ALA B 203 -6.62 -0.54 -1.63
C ALA B 203 -7.87 0.22 -1.99
N GLU B 204 -7.80 1.10 -2.98
CA GLU B 204 -8.95 1.88 -3.43
C GLU B 204 -9.61 1.37 -4.69
N GLY B 205 -9.30 0.15 -5.12
CA GLY B 205 -10.02 -0.51 -6.20
C GLY B 205 -9.37 -0.52 -7.56
N ALA B 206 -8.07 -0.22 -7.66
CA ALA B 206 -7.38 -0.30 -8.95
C ALA B 206 -7.48 -1.71 -9.55
N THR B 207 -7.65 -1.80 -10.87
CA THR B 207 -7.62 -3.09 -11.59
C THR B 207 -6.41 -3.29 -12.46
N TRP B 208 -5.78 -2.19 -12.85
CA TRP B 208 -4.54 -2.18 -13.54
C TRP B 208 -3.57 -1.29 -12.79
N ILE B 209 -2.44 -1.84 -12.37
CA ILE B 209 -1.32 -1.02 -11.85
C ILE B 209 -0.17 -1.01 -12.84
N ARG B 210 0.75 -0.07 -12.72
CA ARG B 210 1.75 0.18 -13.77
C ARG B 210 3.08 0.32 -13.07
N VAL B 211 3.95 -0.69 -13.06
CA VAL B 211 5.17 -0.61 -12.35
C VAL B 211 6.34 -0.73 -13.31
N GLY B 212 7.23 0.24 -13.24
CA GLY B 212 8.39 0.27 -14.14
C GLY B 212 9.66 0.17 -13.37
N THR B 213 10.01 1.30 -12.77
CA THR B 213 11.20 1.42 -11.93
C THR B 213 11.40 0.30 -10.92
N GLN B 214 10.34 -0.05 -10.21
CA GLN B 214 10.55 -0.98 -9.10
C GLN B 214 10.59 -2.42 -9.56
N LEU B 215 10.45 -2.64 -10.86
CA LEU B 215 10.58 -3.97 -11.47
C LEU B 215 11.85 -4.05 -12.34
N PHE B 216 12.03 -3.13 -13.26
CA PHE B 216 13.23 -3.12 -14.10
C PHE B 216 14.45 -2.36 -13.52
N GLY B 217 14.19 -1.24 -12.84
CA GLY B 217 15.24 -0.30 -12.45
C GLY B 217 15.46 0.85 -13.42
#